data_1WN6
#
_entry.id   1WN6
#
_cell.length_a   54.690
_cell.length_b   54.690
_cell.length_c   197.632
_cell.angle_alpha   90.00
_cell.angle_beta   90.00
_cell.angle_gamma   90.00
#
_symmetry.space_group_name_H-M   'P 43 21 2'
#
loop_
_entity.id
_entity.type
_entity.pdbx_description
1 polymer 'Blasticidin-S deaminase'
2 non-polymer 'ZINC ION'
3 non-polymer '6-(4-AMINO-4-HYDROXY-2-OXO-3,4-DIHYDRO-2H-PYRIMIDIN-1-YL)-3-[3-AMINO-5-(N-METHYL-GUANIDINO)-PENT ANOYLAMINO]-3,6-DIHYDRO-2H-PYRAN-2-CARBOXYLIC ACID'
4 non-polymer ARSENIC
5 water water
#
_entity_poly.entity_id   1
_entity_poly.type   'polypeptide(L)'
_entity_poly.pdbx_seq_one_letter_code
;MPLSQEESTLIERATATINSIPISEDYSVASAALSSDGRIFTGVNVYHFTGGPCAELVVLGTAAAAAAGNLTCIVAIGNE
NRGILSPCGRCRQVLLDLHPGIKAIVKDSDGQPTAVGIRELLPSGYVWEG
;
_entity_poly.pdbx_strand_id   A,B
#
loop_
_chem_comp.id
_chem_comp.type
_chem_comp.name
_chem_comp.formula
ARS non-polymer ARSENIC As
BST non-polymer '6-(4-AMINO-4-HYDROXY-2-OXO-3,4-DIHYDRO-2H-PYRIMIDIN-1-YL)-3-[3-AMINO-5-(N-METHYL-GUANIDINO)-PENT ANOYLAMINO]-3,6-DIHYDRO-2H-PYRAN-2-CARBOXYLIC ACID' 'C17 H28 N8 O6'
ZN non-polymer 'ZINC ION' 'Zn 2'
#
# COMPACT_ATOMS: atom_id res chain seq x y z
N SER A 4 9.39 5.05 25.03
CA SER A 4 10.60 4.84 24.18
C SER A 4 10.70 5.90 23.09
N GLN A 5 11.92 6.23 22.69
CA GLN A 5 12.14 7.23 21.66
C GLN A 5 11.64 6.76 20.30
N GLU A 6 11.93 5.51 19.96
CA GLU A 6 11.49 4.94 18.69
C GLU A 6 9.97 4.88 18.63
N GLU A 7 9.34 4.59 19.77
CA GLU A 7 7.89 4.50 19.83
C GLU A 7 7.27 5.85 19.50
N SER A 8 7.65 6.85 20.29
CA SER A 8 7.15 8.21 20.09
C SER A 8 7.36 8.67 18.66
N THR A 9 8.50 8.31 18.09
CA THR A 9 8.82 8.70 16.73
C THR A 9 7.79 8.20 15.73
N LEU A 10 7.38 6.94 15.85
CA LEU A 10 6.39 6.38 14.93
C LEU A 10 5.04 7.04 15.14
N ILE A 11 4.65 7.21 16.40
CA ILE A 11 3.38 7.84 16.72
C ILE A 11 3.34 9.26 16.14
N GLU A 12 4.42 10.00 16.34
CA GLU A 12 4.51 11.37 15.84
C GLU A 12 4.43 11.44 14.32
N ARG A 13 5.13 10.53 13.66
CA ARG A 13 5.14 10.49 12.20
C ARG A 13 3.76 10.15 11.64
N ALA A 14 3.12 9.13 12.19
CA ALA A 14 1.80 8.73 11.70
C ALA A 14 0.77 9.84 11.97
N THR A 15 0.89 10.50 13.12
CA THR A 15 -0.04 11.57 13.45
C THR A 15 0.12 12.74 12.47
N ALA A 16 1.36 13.05 12.12
CA ALA A 16 1.61 14.14 11.18
C ALA A 16 1.01 13.79 9.82
N THR A 17 1.18 12.53 9.43
CA THR A 17 0.67 12.05 8.15
C THR A 17 -0.84 12.19 7.99
N ILE A 18 -1.61 11.64 8.92
CA ILE A 18 -3.06 11.74 8.81
C ILE A 18 -3.52 13.20 8.91
N ASN A 19 -2.76 14.03 9.63
CA ASN A 19 -3.12 15.43 9.77
C ASN A 19 -2.61 16.29 8.62
N SER A 20 -2.04 15.65 7.59
CA SER A 20 -1.52 16.36 6.44
C SER A 20 -2.32 16.07 5.17
N ILE A 21 -3.45 15.39 5.32
CA ILE A 21 -4.28 15.09 4.16
C ILE A 21 -5.72 15.50 4.44
N PRO A 22 -6.50 15.76 3.38
CA PRO A 22 -7.90 16.17 3.55
C PRO A 22 -8.70 15.11 4.31
N ILE A 23 -9.67 15.55 5.10
CA ILE A 23 -10.51 14.60 5.84
C ILE A 23 -11.25 13.75 4.81
N SER A 24 -11.18 12.43 4.97
CA SER A 24 -11.79 11.52 4.02
C SER A 24 -12.28 10.22 4.65
N GLU A 25 -13.35 9.65 4.10
CA GLU A 25 -13.89 8.38 4.58
C GLU A 25 -13.18 7.22 3.87
N ASP A 26 -12.46 7.54 2.80
CA ASP A 26 -11.73 6.53 2.03
C ASP A 26 -10.28 6.40 2.54
N TYR A 27 -9.73 7.52 2.99
CA TYR A 27 -8.35 7.59 3.48
C TYR A 27 -8.41 8.23 4.87
N SER A 28 -8.66 7.40 5.89
CA SER A 28 -8.86 7.87 7.25
C SER A 28 -7.90 7.42 8.34
N VAL A 29 -6.88 6.65 7.99
CA VAL A 29 -5.92 6.16 8.98
C VAL A 29 -4.52 6.20 8.37
N ALA A 30 -3.53 6.57 9.17
CA ALA A 30 -2.16 6.61 8.69
C ALA A 30 -1.39 5.62 9.54
N SER A 31 -0.29 5.10 9.00
CA SER A 31 0.52 4.16 9.76
C SER A 31 1.98 4.47 9.49
N ALA A 32 2.83 4.11 10.43
CA ALA A 32 4.26 4.33 10.29
C ALA A 32 4.95 3.12 10.91
N ALA A 33 5.97 2.61 10.23
CA ALA A 33 6.71 1.46 10.73
C ALA A 33 8.20 1.77 10.75
N LEU A 34 8.93 1.06 11.59
CA LEU A 34 10.37 1.24 11.71
C LEU A 34 11.05 -0.03 11.20
N SER A 35 12.13 0.14 10.43
CA SER A 35 12.86 -1.02 9.90
C SER A 35 14.10 -1.27 10.76
N SER A 36 14.67 -2.46 10.63
CA SER A 36 15.86 -2.83 11.40
C SER A 36 17.00 -1.85 11.17
N ASP A 37 17.08 -1.28 9.96
CA ASP A 37 18.12 -0.34 9.62
C ASP A 37 17.90 1.05 10.21
N GLY A 38 16.70 1.28 10.75
CA GLY A 38 16.42 2.58 11.34
C GLY A 38 15.52 3.51 10.55
N ARG A 39 15.21 3.13 9.31
CA ARG A 39 14.34 3.96 8.47
C ARG A 39 12.88 3.87 8.87
N ILE A 40 12.13 4.91 8.57
CA ILE A 40 10.70 4.97 8.88
C ILE A 40 9.90 5.02 7.59
N PHE A 41 8.85 4.20 7.52
CA PHE A 41 7.98 4.15 6.33
C PHE A 41 6.54 4.46 6.74
N THR A 42 5.82 5.18 5.88
CA THR A 42 4.45 5.56 6.17
C THR A 42 3.47 5.11 5.10
N GLY A 43 2.18 5.35 5.38
CA GLY A 43 1.14 4.99 4.43
C GLY A 43 -0.21 5.33 4.99
N VAL A 44 -1.21 5.35 4.12
CA VAL A 44 -2.59 5.62 4.54
C VAL A 44 -3.45 4.50 3.98
N ASN A 45 -4.52 4.14 4.67
CA ASN A 45 -5.37 3.06 4.21
C ASN A 45 -6.11 3.44 2.92
N VAL A 46 -6.72 2.45 2.30
CA VAL A 46 -7.50 2.61 1.07
C VAL A 46 -8.75 1.78 1.28
N TYR A 47 -9.83 2.41 1.71
CA TYR A 47 -11.04 1.66 1.97
C TYR A 47 -11.77 1.11 0.74
N HIS A 48 -12.16 -0.15 0.81
CA HIS A 48 -12.95 -0.77 -0.26
C HIS A 48 -13.54 -2.08 0.24
N PHE A 49 -14.80 -2.34 -0.11
CA PHE A 49 -15.47 -3.55 0.36
C PHE A 49 -14.82 -4.84 -0.09
N THR A 50 -14.01 -4.79 -1.14
CA THR A 50 -13.35 -6.00 -1.63
C THR A 50 -12.09 -6.25 -0.80
N GLY A 51 -11.85 -5.39 0.18
CA GLY A 51 -10.68 -5.55 1.02
C GLY A 51 -9.56 -4.57 0.75
N GLY A 52 -9.92 -3.29 0.64
CA GLY A 52 -8.91 -2.26 0.42
C GLY A 52 -7.91 -2.39 1.55
N PRO A 53 -6.62 -2.20 1.27
CA PRO A 53 -5.61 -2.34 2.33
C PRO A 53 -5.69 -1.38 3.52
N CYS A 54 -5.43 -1.92 4.72
CA CYS A 54 -5.38 -1.07 5.91
C CYS A 54 -4.10 -0.30 5.74
N ALA A 55 -3.96 0.80 6.47
CA ALA A 55 -2.77 1.62 6.39
C ALA A 55 -1.52 0.78 6.60
N GLU A 56 -1.59 -0.18 7.53
CA GLU A 56 -0.43 -1.01 7.80
C GLU A 56 0.04 -1.80 6.57
N LEU A 57 -0.91 -2.30 5.77
CA LEU A 57 -0.51 -3.07 4.60
C LEU A 57 0.10 -2.16 3.54
N VAL A 58 -0.36 -0.91 3.47
CA VAL A 58 0.21 0.04 2.51
C VAL A 58 1.66 0.30 2.95
N VAL A 59 1.86 0.39 4.26
CA VAL A 59 3.19 0.59 4.81
C VAL A 59 4.10 -0.59 4.45
N LEU A 60 3.59 -1.82 4.57
CA LEU A 60 4.41 -2.99 4.24
C LEU A 60 4.90 -2.92 2.80
N GLY A 61 4.03 -2.51 1.89
CA GLY A 61 4.39 -2.41 0.49
C GLY A 61 5.34 -1.26 0.19
N THR A 62 5.23 -0.20 0.98
CA THR A 62 6.09 0.97 0.79
C THR A 62 7.49 0.58 1.24
N ALA A 63 7.59 -0.12 2.37
CA ALA A 63 8.88 -0.56 2.89
C ALA A 63 9.52 -1.55 1.92
N ALA A 64 8.71 -2.46 1.38
CA ALA A 64 9.23 -3.45 0.45
C ALA A 64 9.77 -2.78 -0.82
N ALA A 65 9.11 -1.70 -1.25
CA ALA A 65 9.56 -0.98 -2.44
C ALA A 65 10.90 -0.30 -2.20
N ALA A 66 11.29 -0.18 -0.94
CA ALA A 66 12.56 0.46 -0.59
C ALA A 66 13.57 -0.57 -0.08
N ALA A 67 13.22 -1.85 -0.19
CA ALA A 67 14.08 -2.94 0.26
C ALA A 67 14.42 -2.75 1.73
N ALA A 68 13.43 -2.31 2.51
CA ALA A 68 13.61 -2.06 3.94
C ALA A 68 13.98 -3.30 4.73
N GLY A 69 13.58 -4.46 4.24
CA GLY A 69 13.87 -5.69 4.95
C GLY A 69 12.89 -5.91 6.07
N ASN A 70 13.40 -6.34 7.23
CA ASN A 70 12.55 -6.62 8.38
C ASN A 70 12.06 -5.35 9.08
N LEU A 71 10.79 -5.37 9.49
CA LEU A 71 10.20 -4.26 10.21
C LEU A 71 10.14 -4.67 11.67
N THR A 72 10.43 -3.74 12.56
CA THR A 72 10.44 -4.03 13.99
C THR A 72 9.27 -3.50 14.80
N CYS A 73 8.64 -2.43 14.32
CA CYS A 73 7.51 -1.87 15.04
C CYS A 73 6.60 -1.10 14.08
N ILE A 74 5.32 -1.05 14.39
CA ILE A 74 4.37 -0.37 13.54
C ILE A 74 3.19 0.12 14.36
N VAL A 75 2.63 1.26 13.96
CA VAL A 75 1.48 1.83 14.66
C VAL A 75 0.53 2.42 13.64
N ALA A 76 -0.73 2.56 14.02
CA ALA A 76 -1.76 3.15 13.16
C ALA A 76 -2.43 4.27 13.95
N ILE A 77 -2.63 5.42 13.31
CA ILE A 77 -3.27 6.57 13.95
C ILE A 77 -4.52 6.94 13.14
N GLY A 78 -5.66 7.08 13.82
CA GLY A 78 -6.89 7.40 13.10
C GLY A 78 -7.18 8.89 12.98
N ASN A 79 -7.95 9.27 11.97
CA ASN A 79 -8.29 10.66 11.77
C ASN A 79 -9.33 11.04 12.82
N GLU A 80 -9.85 12.27 12.72
CA GLU A 80 -10.83 12.77 13.67
C GLU A 80 -10.27 12.72 15.09
N ASN A 81 -8.96 12.89 15.20
CA ASN A 81 -8.29 12.87 16.50
C ASN A 81 -8.60 11.65 17.34
N ARG A 82 -8.76 10.49 16.70
CA ARG A 82 -9.06 9.28 17.43
C ARG A 82 -7.84 8.71 18.13
N GLY A 83 -6.65 9.04 17.62
CA GLY A 83 -5.44 8.53 18.23
C GLY A 83 -5.07 7.14 17.73
N ILE A 84 -4.40 6.38 18.58
CA ILE A 84 -3.94 5.03 18.26
C ILE A 84 -5.04 4.00 18.02
N LEU A 85 -4.95 3.28 16.90
CA LEU A 85 -5.92 2.25 16.57
C LEU A 85 -5.23 0.89 16.56
N SER A 86 -5.80 -0.09 17.24
CA SER A 86 -5.19 -1.41 17.27
C SER A 86 -5.28 -2.03 15.89
N PRO A 87 -4.23 -2.76 15.48
CA PRO A 87 -4.24 -3.39 14.15
C PRO A 87 -5.39 -4.40 14.02
N CYS A 88 -6.05 -4.41 12.87
CA CYS A 88 -7.17 -5.34 12.67
C CYS A 88 -6.65 -6.77 12.57
N GLY A 89 -7.58 -7.72 12.61
CA GLY A 89 -7.21 -9.12 12.54
C GLY A 89 -6.45 -9.53 11.28
N ARG A 90 -6.83 -8.98 10.14
CA ARG A 90 -6.15 -9.32 8.90
C ARG A 90 -4.72 -8.80 8.92
N CYS A 91 -4.55 -7.58 9.43
CA CYS A 91 -3.23 -6.99 9.52
C CYS A 91 -2.34 -7.84 10.42
N ARG A 92 -2.88 -8.32 11.53
CA ARG A 92 -2.11 -9.14 12.45
C ARG A 92 -1.62 -10.41 11.74
N GLN A 93 -2.47 -11.00 10.91
CA GLN A 93 -2.11 -12.22 10.18
C GLN A 93 -0.99 -11.94 9.18
N VAL A 94 -1.16 -10.90 8.37
CA VAL A 94 -0.13 -10.54 7.39
C VAL A 94 1.18 -10.20 8.09
N LEU A 95 1.11 -9.46 9.19
CA LEU A 95 2.31 -9.10 9.93
C LEU A 95 2.99 -10.34 10.49
N LEU A 96 2.20 -11.24 11.07
CA LEU A 96 2.75 -12.47 11.64
C LEU A 96 3.40 -13.34 10.57
N ASP A 97 2.89 -13.29 9.36
CA ASP A 97 3.43 -14.10 8.28
C ASP A 97 4.64 -13.48 7.56
N LEU A 98 4.66 -12.16 7.41
CA LEU A 98 5.76 -11.49 6.71
C LEU A 98 6.81 -10.84 7.60
N HIS A 99 6.44 -10.53 8.84
CA HIS A 99 7.35 -9.90 9.80
C HIS A 99 7.07 -10.46 11.19
N PRO A 100 7.32 -11.77 11.39
CA PRO A 100 7.10 -12.46 12.66
C PRO A 100 7.70 -11.82 13.91
N GLY A 101 8.79 -11.07 13.76
CA GLY A 101 9.41 -10.48 14.93
C GLY A 101 8.98 -9.04 15.23
N ILE A 102 8.03 -8.54 14.43
CA ILE A 102 7.55 -7.18 14.58
C ILE A 102 6.65 -6.99 15.80
N LYS A 103 6.55 -5.74 16.27
CA LYS A 103 5.71 -5.41 17.40
C LYS A 103 4.75 -4.32 16.96
N ALA A 104 3.58 -4.26 17.59
CA ALA A 104 2.60 -3.24 17.25
C ALA A 104 2.27 -2.39 18.47
N ILE A 105 2.10 -1.09 18.24
CA ILE A 105 1.77 -0.19 19.33
C ILE A 105 0.26 -0.09 19.50
N VAL A 106 -0.21 -0.34 20.71
CA VAL A 106 -1.63 -0.28 21.04
C VAL A 106 -1.81 0.42 22.38
N LYS A 107 -3.05 0.81 22.68
CA LYS A 107 -3.33 1.48 23.95
C LYS A 107 -3.60 0.46 25.05
N ASP A 108 -2.89 0.59 26.17
CA ASP A 108 -3.07 -0.34 27.27
C ASP A 108 -4.33 0.00 28.07
N SER A 109 -4.44 -0.60 29.26
CA SER A 109 -5.58 -0.40 30.13
C SER A 109 -5.83 1.08 30.42
N ASP A 110 -4.77 1.79 30.76
CA ASP A 110 -4.86 3.22 31.07
C ASP A 110 -4.91 4.09 29.81
N GLY A 111 -5.06 3.45 28.65
CA GLY A 111 -5.12 4.18 27.41
C GLY A 111 -3.79 4.74 26.96
N GLN A 112 -2.71 4.28 27.58
CA GLN A 112 -1.36 4.74 27.25
C GLN A 112 -0.71 3.81 26.23
N PRO A 113 0.00 4.37 25.25
CA PRO A 113 0.67 3.56 24.22
C PRO A 113 1.69 2.57 24.77
N THR A 114 1.75 1.40 24.14
CA THR A 114 2.69 0.35 24.54
C THR A 114 2.97 -0.57 23.36
N ALA A 115 4.16 -1.17 23.35
CA ALA A 115 4.56 -2.07 22.28
C ALA A 115 4.26 -3.52 22.63
N VAL A 116 3.53 -4.20 21.76
CA VAL A 116 3.15 -5.60 21.98
C VAL A 116 3.58 -6.49 20.82
N GLY A 117 4.22 -7.61 21.14
CA GLY A 117 4.64 -8.53 20.09
C GLY A 117 3.45 -8.99 19.28
N ILE A 118 3.67 -9.21 17.98
CA ILE A 118 2.60 -9.63 17.10
C ILE A 118 1.94 -10.94 17.57
N ARG A 119 2.76 -11.89 18.02
CA ARG A 119 2.25 -13.17 18.50
C ARG A 119 1.28 -13.03 19.66
N GLU A 120 1.50 -12.04 20.52
CA GLU A 120 0.60 -11.83 21.65
C GLU A 120 -0.74 -11.28 21.18
N LEU A 121 -0.74 -10.65 20.01
CA LEU A 121 -1.97 -10.09 19.45
C LEU A 121 -2.73 -11.13 18.63
N LEU A 122 -2.07 -12.26 18.36
CA LEU A 122 -2.67 -13.36 17.61
C LEU A 122 -2.30 -14.69 18.25
N PRO A 123 -2.82 -14.97 19.46
CA PRO A 123 -2.52 -16.23 20.15
C PRO A 123 -3.02 -17.45 19.39
N SER A 124 -2.29 -18.56 19.51
CA SER A 124 -2.66 -19.79 18.81
C SER A 124 -2.90 -19.42 17.35
N GLY A 125 -2.01 -18.59 16.81
CA GLY A 125 -2.15 -18.14 15.44
C GLY A 125 -1.98 -19.16 14.34
N TYR A 126 -2.71 -18.97 13.26
CA TYR A 126 -2.62 -19.85 12.10
C TYR A 126 -1.34 -19.47 11.36
N VAL A 127 -0.50 -20.47 11.09
CA VAL A 127 0.75 -20.25 10.39
C VAL A 127 0.62 -20.72 8.95
N TRP A 128 0.61 -19.77 8.02
CA TRP A 128 0.47 -20.12 6.61
C TRP A 128 1.73 -20.78 6.04
N GLU A 129 1.54 -21.74 5.16
CA GLU A 129 2.66 -22.45 4.55
C GLU A 129 2.82 -22.02 3.09
N LEU B 3 4.55 4.77 -26.68
CA LEU B 3 5.34 5.78 -27.44
C LEU B 3 5.36 7.11 -26.68
N SER B 4 4.30 7.37 -25.94
CA SER B 4 4.18 8.59 -25.15
C SER B 4 5.30 8.74 -24.13
N GLN B 5 5.74 9.98 -23.90
CA GLN B 5 6.80 10.24 -22.94
C GLN B 5 6.30 9.96 -21.53
N GLU B 6 5.05 10.35 -21.27
CA GLU B 6 4.44 10.13 -19.96
C GLU B 6 4.31 8.63 -19.73
N GLU B 7 3.98 7.90 -20.79
CA GLU B 7 3.82 6.45 -20.70
C GLU B 7 5.14 5.75 -20.46
N SER B 8 6.14 6.11 -21.27
CA SER B 8 7.46 5.52 -21.13
C SER B 8 8.04 5.79 -19.74
N THR B 9 7.82 6.99 -19.22
CA THR B 9 8.32 7.36 -17.91
C THR B 9 7.67 6.55 -16.80
N LEU B 10 6.36 6.39 -16.85
CA LEU B 10 5.67 5.60 -15.82
C LEU B 10 6.18 4.16 -15.84
N ILE B 11 6.29 3.60 -17.03
CA ILE B 11 6.77 2.24 -17.16
C ILE B 11 8.19 2.13 -16.62
N GLU B 12 9.01 3.13 -16.92
CA GLU B 12 10.39 3.15 -16.47
C GLU B 12 10.50 3.20 -14.94
N ARG B 13 9.71 4.06 -14.31
CA ARG B 13 9.73 4.20 -12.86
C ARG B 13 9.30 2.90 -12.17
N ALA B 14 8.26 2.26 -12.69
CA ALA B 14 7.76 1.01 -12.11
C ALA B 14 8.79 -0.11 -12.32
N THR B 15 9.35 -0.17 -13.53
CA THR B 15 10.33 -1.19 -13.83
C THR B 15 11.56 -1.04 -12.94
N ALA B 16 12.04 0.19 -12.81
CA ALA B 16 13.21 0.45 -11.98
C ALA B 16 12.94 0.12 -10.52
N THR B 17 11.70 0.34 -10.08
CA THR B 17 11.33 0.06 -8.71
C THR B 17 11.40 -1.45 -8.40
N ILE B 18 10.77 -2.26 -9.25
CA ILE B 18 10.79 -3.71 -9.00
C ILE B 18 12.18 -4.32 -9.17
N ASN B 19 12.98 -3.81 -10.10
CA ASN B 19 14.32 -4.36 -10.31
C ASN B 19 15.35 -3.92 -9.27
N SER B 20 14.96 -3.00 -8.39
CA SER B 20 15.87 -2.50 -7.37
C SER B 20 15.77 -3.26 -6.04
N ILE B 21 14.81 -4.18 -5.95
CA ILE B 21 14.66 -4.96 -4.72
C ILE B 21 14.98 -6.43 -4.97
N PRO B 22 15.33 -7.16 -3.90
CA PRO B 22 15.65 -8.58 -3.99
C PRO B 22 14.48 -9.37 -4.54
N ILE B 23 14.78 -10.39 -5.35
CA ILE B 23 13.74 -11.24 -5.92
C ILE B 23 12.98 -11.87 -4.76
N SER B 24 11.66 -11.72 -4.78
CA SER B 24 10.80 -12.23 -3.72
C SER B 24 9.46 -12.71 -4.26
N GLU B 25 8.88 -13.71 -3.59
CA GLU B 25 7.57 -14.21 -4.00
C GLU B 25 6.48 -13.42 -3.29
N ASP B 26 6.88 -12.66 -2.26
CA ASP B 26 5.96 -11.85 -1.48
C ASP B 26 5.82 -10.46 -2.08
N TYR B 27 6.93 -9.94 -2.61
CA TYR B 27 6.99 -8.62 -3.23
C TYR B 27 7.56 -8.84 -4.64
N SER B 28 6.67 -9.09 -5.59
CA SER B 28 7.07 -9.41 -6.95
C SER B 28 6.59 -8.49 -8.06
N VAL B 29 5.86 -7.44 -7.72
CA VAL B 29 5.35 -6.52 -8.72
C VAL B 29 5.43 -5.09 -8.20
N ALA B 30 5.77 -4.16 -9.07
CA ALA B 30 5.83 -2.76 -8.71
C ALA B 30 4.81 -2.02 -9.58
N SER B 31 4.38 -0.85 -9.12
CA SER B 31 3.42 -0.05 -9.86
C SER B 31 3.81 1.41 -9.72
N ALA B 32 3.38 2.22 -10.68
CA ALA B 32 3.64 3.65 -10.67
C ALA B 32 2.41 4.34 -11.23
N ALA B 33 2.02 5.45 -10.62
CA ALA B 33 0.86 6.20 -11.07
C ALA B 33 1.19 7.70 -11.11
N LEU B 34 0.58 8.39 -12.07
CA LEU B 34 0.76 9.83 -12.27
C LEU B 34 -0.42 10.59 -11.68
N SER B 35 -0.14 11.67 -10.95
CA SER B 35 -1.19 12.49 -10.34
C SER B 35 -1.40 13.74 -11.19
N SER B 36 -2.60 14.31 -11.14
CA SER B 36 -2.90 15.50 -11.92
C SER B 36 -2.13 16.72 -11.42
N ASP B 37 -1.64 16.67 -10.18
CA ASP B 37 -0.89 17.82 -9.66
C ASP B 37 0.63 17.75 -9.90
N GLY B 38 1.04 16.83 -10.77
CA GLY B 38 2.45 16.71 -11.13
C GLY B 38 3.38 15.86 -10.28
N ARG B 39 2.92 14.68 -9.88
CA ARG B 39 3.75 13.79 -9.09
C ARG B 39 3.58 12.35 -9.56
N ILE B 40 4.52 11.49 -9.18
CA ILE B 40 4.46 10.07 -9.54
C ILE B 40 4.69 9.26 -8.29
N PHE B 41 3.78 8.34 -7.99
CA PHE B 41 3.88 7.50 -6.81
C PHE B 41 4.10 6.05 -7.17
N THR B 42 4.94 5.38 -6.40
CA THR B 42 5.28 3.98 -6.65
C THR B 42 5.00 3.10 -5.44
N GLY B 43 5.09 1.79 -5.65
CA GLY B 43 4.87 0.84 -4.59
C GLY B 43 4.99 -0.58 -5.11
N VAL B 44 5.11 -1.54 -4.20
CA VAL B 44 5.21 -2.95 -4.60
C VAL B 44 4.08 -3.70 -3.90
N ASN B 45 3.69 -4.85 -4.45
CA ASN B 45 2.60 -5.63 -3.87
C ASN B 45 3.02 -6.33 -2.58
N VAL B 46 2.03 -6.81 -1.84
CA VAL B 46 2.26 -7.54 -0.61
C VAL B 46 1.38 -8.78 -0.73
N TYR B 47 1.97 -9.90 -1.11
CA TYR B 47 1.18 -11.11 -1.26
C TYR B 47 0.72 -11.74 0.04
N HIS B 48 -0.56 -12.09 0.10
CA HIS B 48 -1.12 -12.78 1.26
C HIS B 48 -2.48 -13.40 0.91
N PHE B 49 -2.71 -14.63 1.37
CA PHE B 49 -3.95 -15.31 1.04
C PHE B 49 -5.21 -14.56 1.47
N THR B 50 -5.10 -13.70 2.49
CA THR B 50 -6.26 -12.93 2.95
C THR B 50 -6.53 -11.74 2.05
N GLY B 51 -5.76 -11.59 0.98
CA GLY B 51 -5.97 -10.48 0.08
C GLY B 51 -4.93 -9.39 0.25
N GLY B 52 -3.66 -9.78 0.27
CA GLY B 52 -2.60 -8.81 0.39
C GLY B 52 -2.78 -7.88 -0.78
N PRO B 53 -2.55 -6.57 -0.62
CA PRO B 53 -2.73 -5.62 -1.72
C PRO B 53 -1.81 -5.78 -2.92
N CYS B 54 -2.40 -5.59 -4.10
CA CYS B 54 -1.62 -5.62 -5.34
C CYS B 54 -0.82 -4.34 -5.31
N ALA B 55 0.21 -4.25 -6.16
CA ALA B 55 1.04 -3.06 -6.20
C ALA B 55 0.20 -1.81 -6.40
N GLU B 56 -0.80 -1.89 -7.28
CA GLU B 56 -1.62 -0.72 -7.54
C GLU B 56 -2.33 -0.18 -6.30
N LEU B 57 -2.75 -1.08 -5.41
CA LEU B 57 -3.42 -0.62 -4.19
C LEU B 57 -2.41 0.02 -3.24
N VAL B 58 -1.17 -0.45 -3.25
CA VAL B 58 -0.17 0.16 -2.38
C VAL B 58 0.08 1.57 -2.92
N VAL B 59 0.10 1.69 -4.24
CA VAL B 59 0.30 2.98 -4.87
C VAL B 59 -0.84 3.94 -4.49
N LEU B 60 -2.08 3.44 -4.48
CA LEU B 60 -3.20 4.29 -4.11
C LEU B 60 -3.06 4.85 -2.69
N GLY B 61 -2.55 4.02 -1.78
CA GLY B 61 -2.37 4.45 -0.40
C GLY B 61 -1.23 5.41 -0.22
N THR B 62 -0.21 5.27 -1.07
CA THR B 62 0.96 6.11 -1.04
C THR B 62 0.60 7.50 -1.57
N ALA B 63 -0.19 7.53 -2.63
CA ALA B 63 -0.64 8.78 -3.21
C ALA B 63 -1.53 9.51 -2.20
N ALA B 64 -2.45 8.76 -1.59
CA ALA B 64 -3.34 9.33 -0.59
C ALA B 64 -2.57 9.94 0.58
N ALA B 65 -1.49 9.26 0.98
CA ALA B 65 -0.67 9.75 2.09
C ALA B 65 0.00 11.09 1.75
N ALA B 66 0.11 11.40 0.46
CA ALA B 66 0.72 12.65 0.02
C ALA B 66 -0.33 13.65 -0.44
N ALA B 67 -1.60 13.33 -0.17
CA ALA B 67 -2.72 14.19 -0.57
C ALA B 67 -2.64 14.44 -2.07
N ALA B 68 -2.30 13.38 -2.81
CA ALA B 68 -2.14 13.42 -4.26
C ALA B 68 -3.39 13.82 -5.03
N GLY B 69 -4.54 13.45 -4.49
CA GLY B 69 -5.78 13.78 -5.17
C GLY B 69 -6.08 12.83 -6.30
N ASN B 70 -6.38 13.39 -7.47
CA ASN B 70 -6.72 12.61 -8.65
C ASN B 70 -5.56 11.95 -9.38
N LEU B 71 -5.67 10.64 -9.61
CA LEU B 71 -4.63 9.92 -10.35
C LEU B 71 -5.15 9.73 -11.78
N THR B 72 -4.29 9.98 -12.76
CA THR B 72 -4.69 9.89 -14.17
C THR B 72 -4.25 8.66 -14.93
N CYS B 73 -3.16 8.04 -14.48
CA CYS B 73 -2.66 6.85 -15.16
C CYS B 73 -1.85 5.99 -14.22
N ILE B 74 -1.93 4.67 -14.39
CA ILE B 74 -1.20 3.74 -13.54
C ILE B 74 -0.79 2.51 -14.32
N VAL B 75 0.36 1.94 -13.96
CA VAL B 75 0.86 0.74 -14.63
C VAL B 75 1.49 -0.18 -13.59
N ALA B 76 1.56 -1.48 -13.91
CA ALA B 76 2.17 -2.46 -13.03
C ALA B 76 3.21 -3.21 -13.85
N ILE B 77 4.37 -3.48 -13.25
CA ILE B 77 5.45 -4.18 -13.94
C ILE B 77 5.89 -5.36 -13.07
N GLY B 78 5.94 -6.55 -13.67
CA GLY B 78 6.34 -7.73 -12.92
C GLY B 78 7.84 -7.89 -12.80
N ASN B 79 8.28 -8.61 -11.78
CA ASN B 79 9.70 -8.84 -11.57
C ASN B 79 10.27 -9.78 -12.63
N GLU B 80 11.57 -10.06 -12.54
CA GLU B 80 12.25 -10.94 -13.48
C GLU B 80 11.97 -10.59 -14.94
N ASN B 81 11.96 -9.29 -15.24
CA ASN B 81 11.75 -8.80 -16.59
C ASN B 81 10.46 -9.26 -17.28
N ARG B 82 9.39 -9.40 -16.50
CA ARG B 82 8.11 -9.83 -17.06
C ARG B 82 7.35 -8.73 -17.78
N GLY B 83 7.72 -7.48 -17.54
CA GLY B 83 7.05 -6.38 -18.20
C GLY B 83 5.68 -6.01 -17.64
N ILE B 84 4.89 -5.34 -18.47
CA ILE B 84 3.56 -4.89 -18.09
C ILE B 84 2.59 -6.00 -17.71
N LEU B 85 1.97 -5.86 -16.54
CA LEU B 85 0.99 -6.83 -16.08
C LEU B 85 -0.35 -6.13 -16.00
N SER B 86 -1.38 -6.76 -16.53
CA SER B 86 -2.71 -6.17 -16.52
C SER B 86 -3.28 -6.18 -15.11
N PRO B 87 -3.96 -5.10 -14.71
CA PRO B 87 -4.52 -5.04 -13.36
C PRO B 87 -5.56 -6.14 -13.15
N CYS B 88 -5.52 -6.75 -11.97
CA CYS B 88 -6.46 -7.83 -11.67
C CYS B 88 -7.86 -7.24 -11.51
N GLY B 89 -8.85 -8.11 -11.42
CA GLY B 89 -10.22 -7.66 -11.28
C GLY B 89 -10.50 -6.83 -10.04
N ARG B 90 -9.84 -7.15 -8.93
CA ARG B 90 -10.09 -6.36 -7.73
C ARG B 90 -9.53 -4.96 -7.92
N CYS B 91 -8.34 -4.86 -8.50
CA CYS B 91 -7.73 -3.55 -8.74
C CYS B 91 -8.62 -2.70 -9.63
N ARG B 92 -9.24 -3.31 -10.63
CA ARG B 92 -10.09 -2.55 -11.53
C ARG B 92 -11.28 -1.97 -10.77
N GLN B 93 -11.87 -2.76 -9.91
CA GLN B 93 -13.02 -2.31 -9.13
C GLN B 93 -12.62 -1.17 -8.20
N VAL B 94 -11.50 -1.31 -7.50
CA VAL B 94 -11.06 -0.26 -6.59
C VAL B 94 -10.72 1.00 -7.39
N LEU B 95 -10.04 0.84 -8.53
CA LEU B 95 -9.67 1.98 -9.36
C LEU B 95 -10.90 2.71 -9.88
N LEU B 96 -11.91 1.94 -10.30
CA LEU B 96 -13.13 2.53 -10.82
C LEU B 96 -13.85 3.34 -9.73
N ASP B 97 -13.96 2.77 -8.53
CA ASP B 97 -14.65 3.45 -7.45
C ASP B 97 -13.91 4.64 -6.82
N LEU B 98 -12.58 4.60 -6.81
CA LEU B 98 -11.80 5.69 -6.21
C LEU B 98 -11.18 6.66 -7.20
N HIS B 99 -10.94 6.21 -8.43
CA HIS B 99 -10.35 7.07 -9.46
C HIS B 99 -10.99 6.76 -10.81
N PRO B 100 -12.30 7.05 -10.95
CA PRO B 100 -13.05 6.79 -12.19
C PRO B 100 -12.47 7.40 -13.47
N GLY B 101 -11.69 8.47 -13.33
CA GLY B 101 -11.11 9.09 -14.52
C GLY B 101 -9.73 8.58 -14.89
N ILE B 102 -9.26 7.58 -14.15
CA ILE B 102 -7.92 7.03 -14.39
C ILE B 102 -7.83 6.08 -15.60
N LYS B 103 -6.63 5.95 -16.14
CA LYS B 103 -6.37 5.06 -17.25
C LYS B 103 -5.33 4.07 -16.77
N ALA B 104 -5.37 2.85 -17.31
CA ALA B 104 -4.41 1.84 -16.94
C ALA B 104 -3.66 1.43 -18.19
N ILE B 105 -2.35 1.28 -18.08
CA ILE B 105 -1.53 0.88 -19.21
C ILE B 105 -1.50 -0.65 -19.28
N VAL B 106 -1.90 -1.19 -20.43
CA VAL B 106 -1.91 -2.64 -20.64
C VAL B 106 -1.29 -2.93 -22.00
N LYS B 107 -1.07 -4.21 -22.31
CA LYS B 107 -0.49 -4.58 -23.59
C LYS B 107 -1.57 -5.00 -24.58
N ASP B 108 -1.43 -4.56 -25.83
CA ASP B 108 -2.40 -4.90 -26.86
C ASP B 108 -2.04 -6.21 -27.54
N SER B 109 -2.73 -6.51 -28.65
CA SER B 109 -2.48 -7.74 -29.39
C SER B 109 -1.01 -7.90 -29.76
N ASP B 110 -0.39 -6.81 -30.21
CA ASP B 110 1.02 -6.83 -30.60
C ASP B 110 1.94 -6.70 -29.39
N GLY B 111 1.37 -6.78 -28.19
CA GLY B 111 2.17 -6.68 -26.99
C GLY B 111 2.77 -5.30 -26.77
N GLN B 112 2.16 -4.29 -27.38
CA GLN B 112 2.64 -2.92 -27.23
C GLN B 112 1.86 -2.19 -26.16
N PRO B 113 2.55 -1.35 -25.36
CA PRO B 113 1.91 -0.58 -24.29
C PRO B 113 0.79 0.32 -24.80
N THR B 114 -0.33 0.32 -24.10
CA THR B 114 -1.47 1.15 -24.49
C THR B 114 -2.29 1.55 -23.26
N ALA B 115 -2.67 2.82 -23.19
CA ALA B 115 -3.44 3.33 -22.06
C ALA B 115 -4.93 3.16 -22.35
N VAL B 116 -5.63 2.50 -21.44
CA VAL B 116 -7.06 2.25 -21.61
C VAL B 116 -7.87 2.80 -20.43
N GLY B 117 -9.07 3.31 -20.72
CA GLY B 117 -9.92 3.83 -19.68
C GLY B 117 -10.34 2.72 -18.74
N ILE B 118 -10.38 2.99 -17.44
CA ILE B 118 -10.74 1.99 -16.45
C ILE B 118 -12.09 1.33 -16.74
N ARG B 119 -13.05 2.12 -17.21
CA ARG B 119 -14.38 1.58 -17.51
C ARG B 119 -14.34 0.51 -18.60
N GLU B 120 -13.41 0.66 -19.55
CA GLU B 120 -13.27 -0.32 -20.63
C GLU B 120 -12.73 -1.64 -20.10
N LEU B 121 -12.02 -1.58 -18.98
CA LEU B 121 -11.46 -2.79 -18.38
C LEU B 121 -12.47 -3.46 -17.46
N LEU B 122 -13.58 -2.78 -17.21
CA LEU B 122 -14.61 -3.32 -16.34
C LEU B 122 -16.00 -2.98 -16.89
N PRO B 123 -16.38 -3.60 -18.02
CA PRO B 123 -17.69 -3.37 -18.67
C PRO B 123 -18.86 -3.68 -17.75
N SER B 124 -19.92 -2.86 -17.85
CA SER B 124 -21.11 -3.04 -17.04
C SER B 124 -20.70 -3.23 -15.58
N GLY B 125 -19.74 -2.42 -15.15
CA GLY B 125 -19.23 -2.53 -13.79
C GLY B 125 -20.20 -2.27 -12.66
N TYR B 126 -20.00 -2.98 -11.57
CA TYR B 126 -20.82 -2.82 -10.38
C TYR B 126 -20.57 -1.43 -9.81
N VAL B 127 -21.64 -0.70 -9.51
CA VAL B 127 -21.53 0.64 -8.96
C VAL B 127 -21.80 0.63 -7.46
N TRP B 128 -20.73 0.73 -6.68
CA TRP B 128 -20.87 0.72 -5.22
C TRP B 128 -21.44 2.04 -4.73
ZN ZN C . -6.02 -4.23 8.88
O4 BST D . -11.21 3.41 11.39
N1 BST D . -7.94 0.43 9.59
C2 BST D . -6.52 0.51 9.31
O2 BST D . -6.06 1.21 8.41
N3 BST D . -5.64 -0.25 10.12
C4 BST D . -6.18 -1.09 11.18
C5 BST D . -7.68 -1.14 11.43
C6 BST D . -8.47 -0.40 10.64
C1' BST D . -8.85 1.26 8.73
C2' BST D . -9.66 0.50 7.72
C3' BST D . -10.98 0.72 7.47
C4' BST D . -11.60 1.86 8.37
C5' BST D . -10.59 2.84 9.05
O5' BST D . -9.64 1.99 9.70
O3 BST D . -11.39 4.98 9.80
C6' BST D . -11.06 3.68 10.22
N6 BST D . -12.56 2.66 7.60
C7 BST D . -13.90 2.98 7.87
O7 BST D . -14.46 2.57 8.89
C8 BST D . -14.61 3.86 6.83
C9 BST D . -16.17 3.77 6.83
N9 BST D . -16.81 4.16 8.09
C10 BST D . -16.78 4.64 5.70
C11 BST D . -17.14 3.84 4.42
N12 BST D . -17.57 4.65 3.28
C13 BST D . -18.98 5.07 3.25
C14 BST D . -16.66 5.03 2.25
N14 BST D . -17.25 5.22 0.96
N15 BST D . -15.38 5.21 2.37
N4 BST D . -5.57 -0.61 12.47
O6 BST D . -5.68 -2.37 10.87
AS ARS E . 8.38 -0.16 19.67
ZN ZN F . -4.99 -6.39 -8.03
O4 BST G . 2.49 -11.77 -10.81
N1 BST G . -0.41 -8.44 -9.01
C2 BST G . -0.28 -7.02 -8.76
O2 BST G . 0.45 -6.54 -7.89
N3 BST G . -1.04 -6.13 -9.56
C4 BST G . -1.93 -6.67 -10.59
C5 BST G . -2.02 -8.19 -10.81
C6 BST G . -1.29 -8.97 -10.03
C1' BST G . 0.40 -9.35 -8.15
C2' BST G . -0.35 -10.15 -7.12
C3' BST G . -0.14 -11.46 -6.84
C4' BST G . 0.99 -12.11 -7.73
C5' BST G . 1.95 -11.11 -8.45
O5' BST G . 1.11 -10.17 -9.11
O3 BST G . 4.10 -11.87 -9.27
C6' BST G . 2.78 -11.60 -9.65
N6 BST G . 1.79 -13.07 -6.95
C7 BST G . 1.95 -14.45 -7.06
O7 BST G . 1.37 -15.07 -7.95
C8 BST G . 2.90 -15.10 -6.03
C9 BST G . 2.75 -16.65 -5.84
N9 BST G . 3.03 -17.45 -7.04
C10 BST G . 3.70 -17.17 -4.70
C11 BST G . 2.99 -17.47 -3.35
N12 BST G . 3.90 -17.84 -2.23
C13 BST G . 4.26 -19.25 -2.09
C14 BST G . 4.41 -16.84 -1.34
N14 BST G . 4.88 -17.33 -0.07
N15 BST G . 4.49 -15.56 -1.56
N4 BST G . -1.45 -6.09 -11.90
O6 BST G . -3.19 -6.14 -10.26
AS ARS H . -0.76 6.85 -19.65
#